data_1AC7
#
_entry.id   1AC7
#
_cell.length_a   1.000
_cell.length_b   1.000
_cell.length_c   1.000
_cell.angle_alpha   90.00
_cell.angle_beta   90.00
_cell.angle_gamma   90.00
#
_symmetry.space_group_name_H-M   'P 1'
#
_entity_poly.entity_id   1
_entity_poly.type   'polydeoxyribonucleotide'
_entity_poly.pdbx_seq_one_letter_code
;(DA)(DT)(DC)(DC)(DT)(DA)(DG)(DT)(DT)(DA)(DT)(DA)(DG)(DG)(DA)(DT)
;
_entity_poly.pdbx_strand_id   A
#
loop_
_chem_comp.id
_chem_comp.type
_chem_comp.name
_chem_comp.formula
DA DNA linking 2'-DEOXYADENOSINE-5'-MONOPHOSPHATE 'C10 H14 N5 O6 P'
DC DNA linking 2'-DEOXYCYTIDINE-5'-MONOPHOSPHATE 'C9 H14 N3 O7 P'
DG DNA linking 2'-DEOXYGUANOSINE-5'-MONOPHOSPHATE 'C10 H14 N5 O7 P'
DT DNA linking THYMIDINE-5'-MONOPHOSPHATE 'C10 H15 N2 O8 P'
#